data_7EMD
#
_entry.id   7EMD
#
_cell.length_a   41.320
_cell.length_b   110.810
_cell.length_c   45.989
_cell.angle_alpha   90.000
_cell.angle_beta   102.221
_cell.angle_gamma   90.000
#
_symmetry.space_group_name_H-M   'P 1 21 1'
#
loop_
_entity.id
_entity.type
_entity.pdbx_description
1 polymer 'Leucocyte antigen'
2 polymer Beta-2-microglobulin
3 polymer TYR-GLY-ASP-PHE-PHE-HIS-ASP-MET-VAL
4 water water
#
loop_
_entity_poly.entity_id
_entity_poly.type
_entity_poly.pdbx_seq_one_letter_code
_entity_poly.pdbx_strand_id
1 'polypeptide(L)'
;GPHSLSYFYTAVSRPDRGDSRFIAVGYVDDTQFVRFDSDAPNPRMEPRAPWIQQEGQDYWDRETRKQRDTSQTYRVGLKN
LRGYYNQSEAGSHTYQSMYGCYLGPDGLLLRGYRQYAYDGADYIALNEDLRSWTAADTAAQITKRKWETANVAERRRSYL
QGLCVESLREYLEMGKDTLQRAEPPKTHVTRHPSSDLGVTLRCWALGFYPKEISLTWQREGQDQSQDMELVETRPSGDGT
FQKWAALVVPPGEEQSYTCHVQHEGLQEPLTLRWD
;
A
2 'polypeptide(L)'
;EFVARPPKVQVYSRHPAENGKPNYLNCYVSGFHPPQIEIDLLKNGEKMNAEQSDLSFSKDWSFYLLVHTEFTPNAVDQYS
CRVKHVTLDKPKIVKWDRDH
;
B
3 'polypeptide(L)' YGDFFHDMV C
#
# COMPACT_ATOMS: atom_id res chain seq x y z
N GLY A 1 0.16 4.15 -16.11
CA GLY A 1 0.36 3.65 -17.46
C GLY A 1 1.53 2.69 -17.58
N PRO A 2 2.74 3.18 -17.31
CA PRO A 2 3.92 2.31 -17.33
C PRO A 2 3.99 1.38 -16.13
N HIS A 3 4.57 0.19 -16.38
CA HIS A 3 4.79 -0.78 -15.31
C HIS A 3 5.97 -0.37 -14.42
N SER A 4 6.03 -0.99 -13.22
CA SER A 4 7.09 -0.69 -12.29
C SER A 4 7.40 -1.93 -11.45
N LEU A 5 8.63 -1.97 -10.97
CA LEU A 5 9.06 -2.89 -9.92
C LEU A 5 9.59 -2.06 -8.75
N SER A 6 9.06 -2.31 -7.55
CA SER A 6 9.41 -1.53 -6.37
C SER A 6 9.61 -2.43 -5.16
N TYR A 7 10.52 -2.03 -4.29
CA TYR A 7 10.74 -2.69 -3.00
C TYR A 7 10.55 -1.69 -1.87
N PHE A 8 9.99 -2.16 -0.76
CA PHE A 8 9.65 -1.32 0.38
C PHE A 8 10.22 -1.96 1.62
N TYR A 9 11.15 -1.27 2.29
CA TYR A 9 11.82 -1.79 3.47
C TYR A 9 11.40 -1.02 4.72
N THR A 10 11.07 -1.73 5.79
CA THR A 10 10.73 -1.09 7.07
C THR A 10 11.58 -1.73 8.15
N ALA A 11 12.33 -0.93 8.90
CA ALA A 11 13.02 -1.44 10.09
C ALA A 11 12.55 -0.66 11.31
N VAL A 12 12.29 -1.38 12.39
CA VAL A 12 11.74 -0.81 13.60
C VAL A 12 12.59 -1.23 14.78
N SER A 13 12.89 -0.30 15.68
CA SER A 13 13.61 -0.66 16.88
C SER A 13 12.64 -1.17 17.93
N ARG A 14 13.10 -2.14 18.72
CA ARG A 14 12.33 -2.74 19.81
C ARG A 14 13.17 -2.65 21.07
N PRO A 15 13.01 -1.57 21.85
CA PRO A 15 13.90 -1.38 23.01
C PRO A 15 13.76 -2.48 24.05
N ASP A 16 12.52 -2.81 24.43
CA ASP A 16 12.27 -3.86 25.41
C ASP A 16 13.06 -5.14 25.09
N ARG A 17 13.12 -5.51 23.81
CA ARG A 17 13.80 -6.73 23.39
C ARG A 17 15.25 -6.50 22.99
N GLY A 18 15.72 -5.25 22.99
CA GLY A 18 17.10 -4.99 22.65
C GLY A 18 17.48 -5.45 21.26
N ASP A 19 16.55 -5.41 20.32
CA ASP A 19 16.80 -5.81 18.94
C ASP A 19 15.88 -4.98 18.04
N SER A 20 15.79 -5.40 16.78
CA SER A 20 14.98 -4.70 15.79
C SER A 20 14.36 -5.72 14.85
N ARG A 21 13.35 -5.27 14.11
CA ARG A 21 12.68 -6.09 13.11
C ARG A 21 12.76 -5.40 11.75
N PHE A 22 13.09 -6.17 10.71
CA PHE A 22 13.18 -5.67 9.34
C PHE A 22 12.19 -6.43 8.47
N ILE A 23 11.35 -5.70 7.73
CA ILE A 23 10.35 -6.29 6.84
C ILE A 23 10.55 -5.68 5.46
N ALA A 24 10.64 -6.55 4.45
CA ALA A 24 10.74 -6.14 3.06
C ALA A 24 9.58 -6.73 2.28
N VAL A 25 9.01 -5.93 1.39
CA VAL A 25 8.03 -6.43 0.44
C VAL A 25 8.39 -5.91 -0.94
N GLY A 26 8.08 -6.72 -1.94
CA GLY A 26 8.34 -6.37 -3.34
C GLY A 26 7.04 -6.41 -4.10
N TYR A 27 6.89 -5.46 -5.05
CA TYR A 27 5.71 -5.27 -5.87
C TYR A 27 6.10 -5.18 -7.34
N VAL A 28 5.26 -5.76 -8.20
CA VAL A 28 5.20 -5.38 -9.61
C VAL A 28 3.89 -4.64 -9.81
N ASP A 29 3.97 -3.37 -10.25
CA ASP A 29 2.78 -2.54 -10.31
C ASP A 29 2.08 -2.57 -8.96
N ASP A 30 0.82 -2.97 -8.92
CA ASP A 30 0.03 -3.00 -7.69
C ASP A 30 -0.08 -4.41 -7.10
N THR A 31 0.83 -5.30 -7.47
CA THR A 31 0.76 -6.72 -7.10
C THR A 31 1.98 -7.07 -6.26
N GLN A 32 1.75 -7.44 -5.01
CA GLN A 32 2.89 -7.88 -4.22
C GLN A 32 3.32 -9.27 -4.68
N PHE A 33 4.64 -9.50 -4.73
CA PHE A 33 5.10 -10.82 -5.15
C PHE A 33 6.15 -11.48 -4.25
N VAL A 34 6.80 -10.75 -3.33
CA VAL A 34 7.74 -11.34 -2.37
C VAL A 34 7.66 -10.62 -1.03
N ARG A 35 8.10 -11.34 0.01
CA ARG A 35 8.27 -10.77 1.34
C ARG A 35 9.48 -11.37 2.03
N PHE A 36 10.06 -10.58 2.94
CA PHE A 36 11.07 -11.04 3.88
C PHE A 36 10.79 -10.42 5.25
N ASP A 37 10.91 -11.25 6.30
CA ASP A 37 10.62 -10.83 7.66
C ASP A 37 11.72 -11.39 8.55
N SER A 38 12.57 -10.50 9.08
CA SER A 38 13.68 -10.90 9.96
C SER A 38 13.21 -11.66 11.19
N ASP A 39 11.93 -11.50 11.58
CA ASP A 39 11.39 -12.17 12.75
C ASP A 39 11.02 -13.61 12.46
N ALA A 40 10.92 -13.99 11.19
CA ALA A 40 10.55 -15.37 10.87
C ALA A 40 11.72 -16.31 11.22
N PRO A 41 11.44 -17.49 11.77
CA PRO A 41 12.54 -18.43 11.99
C PRO A 41 13.16 -18.80 10.65
N ASN A 42 14.50 -18.80 10.61
CA ASN A 42 15.25 -19.08 9.39
C ASN A 42 14.72 -18.23 8.23
N PRO A 43 14.80 -16.90 8.34
CA PRO A 43 14.05 -16.05 7.41
C PRO A 43 14.56 -16.14 5.97
N ARG A 44 13.62 -16.28 5.04
CA ARG A 44 13.91 -16.33 3.62
C ARG A 44 12.99 -15.37 2.88
N MET A 45 13.42 -14.97 1.69
CA MET A 45 12.49 -14.33 0.76
C MET A 45 11.46 -15.37 0.34
N GLU A 46 10.19 -15.02 0.49
CA GLU A 46 9.09 -15.94 0.27
C GLU A 46 8.21 -15.45 -0.86
N PRO A 47 7.70 -16.36 -1.70
CA PRO A 47 6.76 -15.97 -2.75
C PRO A 47 5.43 -15.50 -2.17
N ARG A 48 4.87 -14.45 -2.79
CA ARG A 48 3.57 -13.93 -2.39
C ARG A 48 2.64 -13.75 -3.58
N ALA A 49 3.03 -14.19 -4.78
CA ALA A 49 2.19 -14.27 -5.96
C ALA A 49 2.51 -15.59 -6.64
N PRO A 50 1.51 -16.24 -7.26
CA PRO A 50 1.78 -17.58 -7.81
C PRO A 50 2.83 -17.59 -8.92
N TRP A 51 2.87 -16.55 -9.77
CA TRP A 51 3.77 -16.59 -10.93
C TRP A 51 5.24 -16.47 -10.55
N ILE A 52 5.57 -15.95 -9.36
CA ILE A 52 6.97 -15.91 -8.96
C ILE A 52 7.49 -17.27 -8.51
N GLN A 53 6.60 -18.23 -8.25
CA GLN A 53 7.05 -19.51 -7.72
C GLN A 53 7.87 -20.31 -8.72
N GLN A 54 7.82 -19.94 -9.99
CA GLN A 54 8.63 -20.68 -10.96
C GLN A 54 10.11 -20.33 -10.90
N GLU A 55 10.51 -19.29 -10.14
CA GLU A 55 11.93 -19.02 -10.00
C GLU A 55 12.62 -20.19 -9.31
N GLY A 56 13.82 -20.50 -9.79
CA GLY A 56 14.58 -21.63 -9.29
C GLY A 56 15.19 -21.38 -7.93
N GLN A 57 15.83 -22.43 -7.42
CA GLN A 57 16.44 -22.33 -6.09
C GLN A 57 17.52 -21.27 -6.03
N ASP A 58 18.27 -21.07 -7.12
CA ASP A 58 19.29 -20.02 -7.12
C ASP A 58 18.66 -18.67 -6.84
N TYR A 59 17.49 -18.41 -7.42
CA TYR A 59 16.82 -17.13 -7.21
C TYR A 59 16.45 -16.95 -5.74
N TRP A 60 15.75 -17.93 -5.16
CA TRP A 60 15.34 -17.81 -3.77
C TRP A 60 16.54 -17.76 -2.86
N ASP A 61 17.60 -18.52 -3.16
CA ASP A 61 18.78 -18.49 -2.32
C ASP A 61 19.42 -17.11 -2.33
N ARG A 62 19.59 -16.53 -3.52
CA ARG A 62 20.34 -15.28 -3.67
C ARG A 62 19.52 -14.09 -3.18
N GLU A 63 18.23 -14.06 -3.52
CA GLU A 63 17.34 -13.06 -2.93
C GLU A 63 17.32 -13.14 -1.40
N THR A 64 17.37 -14.35 -0.85
CA THR A 64 17.39 -14.44 0.61
C THR A 64 18.66 -13.85 1.20
N ARG A 65 19.80 -14.15 0.57
CA ARG A 65 21.07 -13.59 1.02
C ARG A 65 21.01 -12.05 1.03
N LYS A 66 20.56 -11.46 -0.08
CA LYS A 66 20.46 -10.00 -0.16
C LYS A 66 19.69 -9.44 1.03
N GLN A 67 18.51 -10.01 1.31
CA GLN A 67 17.69 -9.46 2.37
C GLN A 67 18.32 -9.66 3.75
N ARG A 68 18.97 -10.80 3.96
CA ARG A 68 19.59 -11.03 5.27
C ARG A 68 20.67 -9.99 5.54
N ASP A 69 21.50 -9.69 4.54
CA ASP A 69 22.53 -8.67 4.68
C ASP A 69 21.92 -7.29 4.89
N THR A 70 20.90 -6.96 4.10
CA THR A 70 20.21 -5.68 4.25
C THR A 70 19.59 -5.56 5.63
N SER A 71 18.93 -6.64 6.10
CA SER A 71 18.35 -6.63 7.43
C SER A 71 19.38 -6.26 8.51
N GLN A 72 20.59 -6.80 8.42
CA GLN A 72 21.56 -6.53 9.47
C GLN A 72 22.03 -5.08 9.43
N THR A 73 22.25 -4.54 8.22
CA THR A 73 22.73 -3.16 8.13
C THR A 73 21.66 -2.18 8.59
N TYR A 74 20.39 -2.46 8.28
CA TYR A 74 19.32 -1.59 8.76
C TYR A 74 19.19 -1.68 10.29
N ARG A 75 19.43 -2.87 10.88
CA ARG A 75 19.41 -2.98 12.33
C ARG A 75 20.49 -2.13 12.98
N VAL A 76 21.74 -2.31 12.53
CA VAL A 76 22.84 -1.52 13.07
C VAL A 76 22.56 -0.03 12.86
N GLY A 77 21.99 0.32 11.70
CA GLY A 77 21.77 1.72 11.39
C GLY A 77 20.80 2.41 12.32
N LEU A 78 19.79 1.69 12.83
CA LEU A 78 18.89 2.28 13.81
C LEU A 78 19.65 2.86 14.99
N LYS A 79 20.76 2.20 15.37
CA LYS A 79 21.60 2.68 16.45
C LYS A 79 22.24 4.02 16.10
N ASN A 80 22.76 4.14 14.87
CA ASN A 80 23.33 5.40 14.41
C ASN A 80 22.32 6.52 14.46
N LEU A 81 21.11 6.27 13.94
CA LEU A 81 20.08 7.31 13.82
C LEU A 81 19.67 7.86 15.18
N ARG A 82 19.58 7.00 16.19
CA ARG A 82 19.28 7.48 17.53
C ARG A 82 20.36 8.44 18.02
N GLY A 83 21.63 8.12 17.75
CA GLY A 83 22.70 9.03 18.12
C GLY A 83 22.65 10.34 17.35
N TYR A 84 22.33 10.27 16.06
CA TYR A 84 22.23 11.49 15.26
C TYR A 84 21.19 12.45 15.83
N TYR A 85 20.07 11.94 16.35
CA TYR A 85 18.95 12.78 16.74
C TYR A 85 18.84 12.98 18.24
N ASN A 86 19.88 12.60 19.00
CA ASN A 86 19.88 12.78 20.46
C ASN A 86 18.69 12.08 21.10
N GLN A 87 18.43 10.85 20.67
CA GLN A 87 17.30 10.09 21.20
C GLN A 87 17.80 9.06 22.21
N SER A 88 16.98 8.81 23.22
CA SER A 88 17.30 7.80 24.21
C SER A 88 17.06 6.40 23.64
N GLU A 89 17.45 5.40 24.42
CA GLU A 89 17.12 4.05 24.00
C GLU A 89 15.70 3.65 24.40
N ALA A 90 14.95 4.54 25.06
CA ALA A 90 13.65 4.16 25.58
C ALA A 90 12.58 4.08 24.49
N GLY A 91 12.72 4.87 23.42
CA GLY A 91 11.69 4.93 22.41
C GLY A 91 11.91 3.99 21.24
N SER A 92 10.82 3.66 20.57
CA SER A 92 10.86 2.95 19.30
C SER A 92 10.98 3.96 18.16
N HIS A 93 11.75 3.60 17.14
CA HIS A 93 11.94 4.46 15.97
C HIS A 93 11.88 3.62 14.71
N THR A 94 11.61 4.30 13.57
CA THR A 94 11.32 3.62 12.32
C THR A 94 12.19 4.16 11.20
N TYR A 95 12.90 3.27 10.50
CA TYR A 95 13.70 3.61 9.33
C TYR A 95 13.12 2.91 8.10
N GLN A 96 12.78 3.68 7.06
CA GLN A 96 12.25 3.08 5.83
C GLN A 96 13.11 3.40 4.62
N SER A 97 13.16 2.46 3.66
CA SER A 97 13.63 2.80 2.31
C SER A 97 12.68 2.21 1.27
N MET A 98 12.53 2.95 0.16
CA MET A 98 11.80 2.42 -0.98
C MET A 98 12.62 2.75 -2.21
N TYR A 99 12.56 1.85 -3.18
CA TYR A 99 13.25 2.07 -4.46
C TYR A 99 12.57 1.26 -5.55
N GLY A 100 12.80 1.66 -6.80
CA GLY A 100 12.11 0.99 -7.89
C GLY A 100 12.43 1.65 -9.19
N CYS A 101 11.91 1.04 -10.26
CA CYS A 101 12.07 1.51 -11.63
C CYS A 101 10.73 1.46 -12.36
N TYR A 102 10.48 2.48 -13.18
CA TYR A 102 9.31 2.48 -14.05
C TYR A 102 9.75 2.20 -15.48
N LEU A 103 9.00 1.34 -16.17
CA LEU A 103 9.31 0.88 -17.52
C LEU A 103 8.77 1.88 -18.54
N GLY A 104 9.68 2.51 -19.31
CA GLY A 104 9.28 3.40 -20.37
C GLY A 104 8.80 2.67 -21.61
N PRO A 105 8.11 3.38 -22.52
CA PRO A 105 7.54 2.70 -23.70
C PRO A 105 8.58 2.12 -24.63
N ASP A 106 9.84 2.54 -24.52
CA ASP A 106 10.92 1.99 -25.30
C ASP A 106 11.64 0.84 -24.61
N GLY A 107 11.12 0.37 -23.47
CA GLY A 107 11.81 -0.65 -22.70
C GLY A 107 12.96 -0.15 -21.87
N LEU A 108 13.21 1.16 -21.85
CA LEU A 108 14.26 1.78 -21.06
C LEU A 108 13.69 2.28 -19.72
N LEU A 109 14.60 2.57 -18.79
CA LEU A 109 14.21 3.23 -17.55
C LEU A 109 13.50 4.55 -17.82
N LEU A 110 12.22 4.63 -17.46
CA LEU A 110 11.50 5.90 -17.49
C LEU A 110 11.89 6.79 -16.32
N ARG A 111 11.82 6.25 -15.11
CA ARG A 111 12.34 6.93 -13.93
C ARG A 111 12.65 5.88 -12.88
N GLY A 112 13.77 6.03 -12.22
CA GLY A 112 14.14 5.21 -11.09
C GLY A 112 14.19 6.08 -9.85
N TYR A 113 13.95 5.48 -8.70
CA TYR A 113 14.06 6.24 -7.45
C TYR A 113 14.67 5.36 -6.37
N ARG A 114 15.29 6.02 -5.38
CA ARG A 114 15.74 5.40 -4.13
C ARG A 114 15.68 6.45 -3.03
N GLN A 115 14.87 6.22 -2.00
CA GLN A 115 14.63 7.23 -0.97
C GLN A 115 14.59 6.57 0.40
N TYR A 116 14.78 7.40 1.43
CA TYR A 116 14.80 6.93 2.81
C TYR A 116 14.05 7.90 3.70
N ALA A 117 13.54 7.36 4.82
CA ALA A 117 12.82 8.16 5.81
C ALA A 117 13.18 7.68 7.20
N TYR A 118 13.04 8.57 8.17
CA TYR A 118 13.23 8.24 9.58
C TYR A 118 12.10 8.85 10.40
N ASP A 119 11.51 8.02 11.25
CA ASP A 119 10.34 8.40 12.03
C ASP A 119 9.33 9.17 11.19
N GLY A 120 9.10 8.71 9.95
CA GLY A 120 8.06 9.22 9.09
C GLY A 120 8.42 10.45 8.30
N ALA A 121 9.66 10.92 8.39
CA ALA A 121 10.12 12.15 7.75
C ALA A 121 11.16 11.80 6.68
N ASP A 122 11.05 12.45 5.52
CA ASP A 122 12.10 12.31 4.51
C ASP A 122 13.48 12.49 5.14
N TYR A 123 14.39 11.56 4.87
CA TYR A 123 15.74 11.58 5.44
C TYR A 123 16.79 11.88 4.38
N ILE A 124 16.96 11.00 3.39
CA ILE A 124 17.87 11.25 2.28
C ILE A 124 17.25 10.62 1.04
N ALA A 125 17.59 11.17 -0.12
CA ALA A 125 17.04 10.65 -1.37
C ALA A 125 18.04 10.78 -2.50
N LEU A 126 18.04 9.80 -3.40
CA LEU A 126 18.81 9.90 -4.63
C LEU A 126 18.15 10.91 -5.57
N ASN A 127 18.94 11.81 -6.13
CA ASN A 127 18.36 12.84 -6.99
C ASN A 127 17.95 12.28 -8.35
N GLU A 128 17.13 13.06 -9.06
CA GLU A 128 16.59 12.64 -10.35
C GLU A 128 17.67 12.16 -11.30
N ASP A 129 18.86 12.80 -11.26
CA ASP A 129 19.96 12.44 -12.14
C ASP A 129 20.65 11.13 -11.76
N LEU A 130 20.25 10.52 -10.64
CA LEU A 130 20.81 9.25 -10.17
C LEU A 130 22.30 9.35 -9.88
N ARG A 131 22.84 10.57 -9.68
CA ARG A 131 24.27 10.77 -9.47
C ARG A 131 24.61 11.47 -8.15
N SER A 132 23.62 12.00 -7.43
CA SER A 132 23.89 12.77 -6.22
C SER A 132 22.70 12.58 -5.27
N TRP A 133 22.91 12.97 -4.01
CA TRP A 133 21.94 12.87 -2.93
C TRP A 133 21.45 14.23 -2.44
N THR A 134 20.22 14.26 -1.95
CA THR A 134 19.69 15.38 -1.18
C THR A 134 19.39 14.91 0.24
N ALA A 135 20.01 15.56 1.22
CA ALA A 135 19.82 15.25 2.63
C ALA A 135 18.91 16.29 3.30
N ALA A 136 18.05 15.82 4.21
CA ALA A 136 17.00 16.68 4.73
C ALA A 136 17.41 17.51 5.95
N ASP A 137 18.48 17.12 6.65
CA ASP A 137 18.85 17.84 7.86
C ASP A 137 20.31 17.48 8.18
N THR A 138 20.81 17.97 9.31
CA THR A 138 22.23 17.79 9.62
C THR A 138 22.59 16.31 9.87
N ALA A 139 21.66 15.55 10.45
CA ALA A 139 21.88 14.11 10.60
C ALA A 139 22.06 13.44 9.22
N ALA A 140 21.12 13.67 8.31
CA ALA A 140 21.20 13.06 6.99
C ALA A 140 22.47 13.46 6.26
N GLN A 141 23.06 14.62 6.59
CA GLN A 141 24.29 15.03 5.93
C GLN A 141 25.45 14.13 6.33
N ILE A 142 25.44 13.58 7.54
CA ILE A 142 26.45 12.59 7.90
C ILE A 142 26.38 11.41 6.95
N THR A 143 25.16 10.87 6.76
CA THR A 143 24.96 9.76 5.84
C THR A 143 25.40 10.11 4.42
N LYS A 144 25.00 11.31 3.95
CA LYS A 144 25.33 11.72 2.59
C LYS A 144 26.84 11.69 2.35
N ARG A 145 27.62 12.20 3.28
CA ARG A 145 29.07 12.22 3.08
C ARG A 145 29.65 10.81 3.09
N LYS A 146 29.16 9.94 3.99
CA LYS A 146 29.54 8.54 3.97
C LYS A 146 29.27 7.92 2.61
N TRP A 147 28.07 8.14 2.07
CA TRP A 147 27.74 7.53 0.78
C TRP A 147 28.48 8.19 -0.38
N GLU A 148 28.81 9.49 -0.27
CA GLU A 148 29.63 10.09 -1.30
C GLU A 148 31.05 9.52 -1.29
N THR A 149 31.65 9.43 -0.10
CA THR A 149 32.99 8.86 0.02
C THR A 149 33.05 7.44 -0.55
N ALA A 150 31.98 6.66 -0.36
CA ALA A 150 31.93 5.27 -0.81
C ALA A 150 31.32 5.09 -2.20
N ASN A 151 30.88 6.18 -2.85
CA ASN A 151 30.40 6.16 -4.24
C ASN A 151 29.16 5.27 -4.41
N VAL A 152 28.25 5.37 -3.45
CA VAL A 152 27.04 4.53 -3.44
C VAL A 152 26.14 4.86 -4.63
N ALA A 153 26.08 6.14 -5.03
CA ALA A 153 25.13 6.54 -6.07
C ALA A 153 25.34 5.77 -7.37
N GLU A 154 26.60 5.55 -7.76
CA GLU A 154 26.87 4.83 -9.00
C GLU A 154 26.24 3.45 -8.99
N ARG A 155 26.30 2.76 -7.86
CA ARG A 155 25.71 1.42 -7.79
C ARG A 155 24.19 1.48 -7.88
N ARG A 156 23.58 2.44 -7.17
CA ARG A 156 22.14 2.57 -7.26
C ARG A 156 21.71 2.87 -8.70
N ARG A 157 22.44 3.75 -9.38
CA ARG A 157 22.08 4.09 -10.75
C ARG A 157 22.22 2.87 -11.67
N SER A 158 23.28 2.09 -11.48
CA SER A 158 23.49 0.91 -12.29
C SER A 158 22.36 -0.09 -12.09
N TYR A 159 21.97 -0.29 -10.83
CA TYR A 159 20.86 -1.20 -10.54
C TYR A 159 19.58 -0.73 -11.19
N LEU A 160 19.25 0.57 -11.05
CA LEU A 160 17.95 1.06 -11.49
C LEU A 160 17.81 1.05 -13.00
N GLN A 161 18.90 1.34 -13.74
CA GLN A 161 18.83 1.33 -15.21
C GLN A 161 18.95 -0.08 -15.77
N GLY A 162 19.62 -0.97 -15.05
CA GLY A 162 19.89 -2.30 -15.54
C GLY A 162 19.05 -3.41 -14.90
N LEU A 163 19.57 -3.98 -13.81
CA LEU A 163 18.94 -5.16 -13.24
C LEU A 163 17.49 -4.90 -12.88
N CYS A 164 17.16 -3.69 -12.41
CA CYS A 164 15.76 -3.42 -12.05
C CYS A 164 14.84 -3.55 -13.27
N VAL A 165 15.25 -2.98 -14.41
CA VAL A 165 14.39 -2.97 -15.59
C VAL A 165 14.33 -4.37 -16.20
N GLU A 166 15.46 -5.07 -16.22
CA GLU A 166 15.45 -6.41 -16.78
C GLU A 166 14.69 -7.39 -15.88
N SER A 167 14.72 -7.17 -14.56
CA SER A 167 13.89 -7.98 -13.65
C SER A 167 12.42 -7.69 -13.89
N LEU A 168 12.06 -6.42 -13.92
CA LEU A 168 10.70 -6.02 -14.28
C LEU A 168 10.24 -6.72 -15.56
N ARG A 169 11.09 -6.74 -16.59
CA ARG A 169 10.66 -7.30 -17.86
C ARG A 169 10.43 -8.81 -17.72
N GLU A 170 11.32 -9.50 -17.02
CA GLU A 170 11.15 -10.92 -16.81
C GLU A 170 9.89 -11.22 -16.01
N TYR A 171 9.62 -10.42 -14.97
CA TYR A 171 8.44 -10.66 -14.15
C TYR A 171 7.15 -10.42 -14.92
N LEU A 172 7.10 -9.34 -15.72
CA LEU A 172 5.90 -9.04 -16.48
C LEU A 172 5.55 -10.18 -17.43
N GLU A 173 6.55 -10.81 -18.02
CA GLU A 173 6.28 -11.95 -18.88
C GLU A 173 5.84 -13.17 -18.08
N MET A 174 6.52 -13.45 -16.96
CA MET A 174 6.19 -14.60 -16.13
C MET A 174 4.75 -14.53 -15.64
N GLY A 175 4.28 -13.34 -15.25
CA GLY A 175 2.91 -13.21 -14.78
C GLY A 175 2.00 -12.48 -15.74
N LYS A 176 2.28 -12.59 -17.04
CA LYS A 176 1.57 -11.77 -18.00
C LYS A 176 0.06 -12.00 -17.96
N ASP A 177 -0.38 -13.22 -17.64
CA ASP A 177 -1.81 -13.50 -17.64
C ASP A 177 -2.57 -12.75 -16.56
N THR A 178 -1.87 -12.27 -15.52
CA THR A 178 -2.48 -11.42 -14.52
C THR A 178 -1.93 -10.00 -14.53
N LEU A 179 -0.61 -9.83 -14.67
CA LEU A 179 -0.02 -8.50 -14.57
C LEU A 179 -0.32 -7.63 -15.77
N GLN A 180 -0.60 -8.24 -16.92
CA GLN A 180 -0.77 -7.50 -18.16
C GLN A 180 -2.17 -7.61 -18.72
N ARG A 181 -3.13 -8.11 -17.93
CA ARG A 181 -4.54 -8.16 -18.32
C ARG A 181 -5.31 -7.26 -17.36
N ALA A 182 -5.78 -6.12 -17.88
CA ALA A 182 -6.52 -5.17 -17.06
C ALA A 182 -7.95 -5.66 -16.85
N GLU A 183 -8.38 -5.68 -15.59
CA GLU A 183 -9.73 -6.08 -15.25
C GLU A 183 -10.57 -4.84 -15.03
N PRO A 184 -11.67 -4.66 -15.75
CA PRO A 184 -12.43 -3.42 -15.63
C PRO A 184 -13.35 -3.47 -14.43
N PRO A 185 -13.72 -2.32 -13.88
CA PRO A 185 -14.64 -2.31 -12.72
C PRO A 185 -16.02 -2.83 -13.09
N LYS A 186 -16.68 -3.41 -12.10
CA LYS A 186 -18.12 -3.63 -12.12
C LYS A 186 -18.76 -2.46 -11.38
N THR A 187 -19.60 -1.70 -12.08
CA THR A 187 -20.07 -0.41 -11.58
C THR A 187 -21.58 -0.44 -11.38
N HIS A 188 -22.03 0.25 -10.34
CA HIS A 188 -23.45 0.47 -10.11
C HIS A 188 -23.62 1.67 -9.20
N VAL A 189 -24.88 2.11 -9.04
CA VAL A 189 -25.24 3.27 -8.23
C VAL A 189 -26.33 2.84 -7.26
N THR A 190 -26.21 3.31 -6.01
CA THR A 190 -27.22 3.10 -4.98
C THR A 190 -27.64 4.43 -4.38
N ARG A 191 -28.80 4.44 -3.70
CA ARG A 191 -29.34 5.63 -3.05
C ARG A 191 -29.66 5.33 -1.58
N HIS A 192 -29.44 6.33 -0.72
CA HIS A 192 -29.48 6.14 0.73
C HIS A 192 -29.99 7.41 1.39
N PRO A 193 -30.75 7.29 2.50
CA PRO A 193 -31.17 8.49 3.24
C PRO A 193 -29.97 9.26 3.79
N SER A 194 -30.15 10.57 3.94
CA SER A 194 -29.06 11.45 4.37
C SER A 194 -29.51 12.37 5.49
N SER A 195 -30.39 13.32 5.17
CA SER A 195 -30.90 14.30 6.14
C SER A 195 -32.04 15.05 5.48
N ASP A 196 -32.44 16.17 6.11
CA ASP A 196 -33.48 17.01 5.54
C ASP A 196 -32.96 17.66 4.26
N LEU A 197 -33.74 17.51 3.18
CA LEU A 197 -33.37 17.99 1.85
C LEU A 197 -32.05 17.37 1.40
N GLY A 198 -32.11 16.05 1.16
CA GLY A 198 -30.95 15.37 0.66
C GLY A 198 -30.96 13.85 0.78
N VAL A 199 -30.78 13.19 -0.36
CA VAL A 199 -30.50 11.76 -0.40
C VAL A 199 -29.10 11.57 -0.96
N THR A 200 -28.46 10.48 -0.56
CA THR A 200 -27.11 10.18 -1.01
C THR A 200 -27.17 9.25 -2.21
N LEU A 201 -26.33 9.53 -3.21
CA LEU A 201 -26.10 8.66 -4.36
C LEU A 201 -24.66 8.21 -4.31
N ARG A 202 -24.45 6.90 -4.36
CA ARG A 202 -23.13 6.30 -4.21
C ARG A 202 -22.81 5.53 -5.48
N CYS A 203 -21.68 5.88 -6.10
CA CYS A 203 -21.25 5.25 -7.35
C CYS A 203 -20.13 4.28 -7.03
N TRP A 204 -20.37 3.00 -7.31
CA TRP A 204 -19.46 1.92 -6.93
C TRP A 204 -18.66 1.45 -8.14
N ALA A 205 -17.35 1.23 -7.92
CA ALA A 205 -16.48 0.54 -8.87
C ALA A 205 -15.80 -0.62 -8.14
N LEU A 206 -16.08 -1.84 -8.57
CA LEU A 206 -15.75 -3.05 -7.82
C LEU A 206 -14.95 -4.02 -8.67
N GLY A 207 -13.90 -4.58 -8.07
CA GLY A 207 -13.14 -5.66 -8.69
C GLY A 207 -12.27 -5.32 -9.89
N PHE A 208 -11.62 -4.16 -9.87
CA PHE A 208 -10.82 -3.73 -11.01
C PHE A 208 -9.32 -3.85 -10.72
N TYR A 209 -8.52 -3.90 -11.80
CA TYR A 209 -7.05 -3.93 -11.74
C TYR A 209 -6.51 -3.31 -13.03
N PRO A 210 -5.43 -2.49 -12.97
CA PRO A 210 -4.68 -2.08 -11.77
C PRO A 210 -5.40 -0.99 -10.97
N LYS A 211 -4.70 -0.41 -10.00
CA LYS A 211 -5.36 0.38 -8.96
C LYS A 211 -5.85 1.73 -9.49
N GLU A 212 -5.07 2.37 -10.37
CA GLU A 212 -5.40 3.71 -10.82
C GLU A 212 -6.79 3.75 -11.44
N ILE A 213 -7.63 4.68 -10.97
CA ILE A 213 -8.99 4.83 -11.50
C ILE A 213 -9.44 6.27 -11.27
N SER A 214 -10.41 6.71 -12.07
CA SER A 214 -11.03 8.02 -11.96
C SER A 214 -12.52 7.84 -11.73
N LEU A 215 -13.01 8.31 -10.58
CA LEU A 215 -14.43 8.32 -10.24
C LEU A 215 -14.84 9.76 -9.98
N THR A 216 -15.78 10.27 -10.78
CA THR A 216 -16.23 11.66 -10.63
C THR A 216 -17.75 11.72 -10.72
N TRP A 217 -18.31 12.73 -10.07
CA TRP A 217 -19.71 13.07 -10.17
C TRP A 217 -19.86 14.38 -10.92
N GLN A 218 -20.83 14.43 -11.84
CA GLN A 218 -21.06 15.62 -12.64
C GLN A 218 -22.53 16.02 -12.57
N ARG A 219 -22.77 17.30 -12.33
CA ARG A 219 -24.10 17.90 -12.38
C ARG A 219 -24.12 18.79 -13.63
N GLU A 220 -24.76 18.28 -14.69
CA GLU A 220 -24.74 18.87 -16.03
C GLU A 220 -23.29 19.18 -16.44
N GLY A 221 -22.50 18.11 -16.51
CA GLY A 221 -21.11 18.18 -16.93
C GLY A 221 -20.16 18.86 -15.97
N GLN A 222 -20.63 19.42 -14.86
CA GLN A 222 -19.79 20.21 -13.98
C GLN A 222 -19.34 19.36 -12.79
N ASP A 223 -18.04 19.35 -12.54
CA ASP A 223 -17.47 18.47 -11.53
C ASP A 223 -17.93 18.85 -10.13
N GLN A 224 -18.27 17.82 -9.34
CA GLN A 224 -18.85 18.02 -8.02
C GLN A 224 -17.91 17.59 -6.88
N SER A 225 -16.61 17.46 -7.17
CA SER A 225 -15.67 16.94 -6.18
C SER A 225 -15.60 17.79 -4.91
N GLN A 226 -16.18 18.99 -4.90
CA GLN A 226 -16.15 19.81 -3.69
C GLN A 226 -17.04 19.23 -2.59
N ASP A 227 -18.26 18.82 -2.94
CA ASP A 227 -19.19 18.23 -1.97
C ASP A 227 -19.21 16.72 -2.06
N MET A 228 -18.21 16.11 -2.70
CA MET A 228 -18.19 14.67 -2.92
C MET A 228 -17.41 13.97 -1.82
N GLU A 229 -17.86 12.78 -1.44
CA GLU A 229 -17.06 11.90 -0.61
C GLU A 229 -16.44 10.83 -1.49
N LEU A 230 -15.10 10.83 -1.55
CA LEU A 230 -14.33 9.88 -2.37
C LEU A 230 -13.47 9.07 -1.43
N VAL A 231 -13.73 7.78 -1.33
CA VAL A 231 -12.95 6.95 -0.43
C VAL A 231 -11.67 6.52 -1.12
N GLU A 232 -10.65 6.27 -0.31
CA GLU A 232 -9.41 5.71 -0.81
C GLU A 232 -9.66 4.38 -1.50
N THR A 233 -9.02 4.21 -2.67
CA THR A 233 -9.06 2.94 -3.35
C THR A 233 -8.55 1.84 -2.44
N ARG A 234 -9.28 0.73 -2.39
CA ARG A 234 -9.04 -0.26 -1.36
C ARG A 234 -8.96 -1.66 -1.95
N PRO A 235 -8.17 -2.55 -1.34
CA PRO A 235 -8.01 -3.88 -1.92
C PRO A 235 -9.25 -4.76 -1.73
N SER A 236 -9.58 -5.53 -2.77
CA SER A 236 -10.69 -6.48 -2.68
C SER A 236 -10.32 -7.69 -1.83
N GLY A 237 -9.03 -8.02 -1.77
CA GLY A 237 -8.57 -9.19 -1.06
C GLY A 237 -8.15 -10.31 -1.97
N ASP A 238 -8.56 -10.24 -3.25
CA ASP A 238 -8.22 -11.21 -4.28
C ASP A 238 -7.24 -10.65 -5.32
N GLY A 239 -6.62 -9.50 -5.05
CA GLY A 239 -5.73 -8.88 -6.01
C GLY A 239 -6.33 -7.72 -6.79
N THR A 240 -7.64 -7.56 -6.75
CA THR A 240 -8.30 -6.44 -7.40
C THR A 240 -8.62 -5.36 -6.35
N PHE A 241 -9.28 -4.30 -6.81
CA PHE A 241 -9.50 -3.12 -5.98
C PHE A 241 -10.95 -2.63 -6.09
N GLN A 242 -11.32 -1.77 -5.15
CA GLN A 242 -12.65 -1.18 -5.08
C GLN A 242 -12.54 0.31 -4.77
N LYS A 243 -13.57 1.06 -5.17
CA LYS A 243 -13.65 2.47 -4.83
C LYS A 243 -15.11 2.93 -4.98
N TRP A 244 -15.50 3.93 -4.22
CA TRP A 244 -16.79 4.57 -4.46
C TRP A 244 -16.69 6.07 -4.23
N ALA A 245 -17.69 6.76 -4.79
CA ALA A 245 -17.83 8.21 -4.71
C ALA A 245 -19.28 8.50 -4.42
N ALA A 246 -19.55 9.37 -3.44
CA ALA A 246 -20.93 9.62 -3.04
C ALA A 246 -21.18 11.12 -2.93
N LEU A 247 -22.43 11.50 -3.18
CA LEU A 247 -22.87 12.88 -3.26
C LEU A 247 -24.30 12.99 -2.70
N VAL A 248 -24.56 14.06 -1.98
CA VAL A 248 -25.92 14.34 -1.50
C VAL A 248 -26.58 15.26 -2.52
N VAL A 249 -27.76 14.86 -2.99
CA VAL A 249 -28.49 15.58 -4.02
C VAL A 249 -29.88 15.90 -3.49
N PRO A 250 -30.57 16.88 -4.06
CA PRO A 250 -31.93 17.17 -3.61
C PRO A 250 -32.88 16.05 -3.98
N PRO A 251 -33.88 15.77 -3.14
CA PRO A 251 -34.86 14.73 -3.48
C PRO A 251 -35.56 15.05 -4.80
N GLY A 252 -35.88 13.98 -5.54
CA GLY A 252 -36.45 14.11 -6.86
C GLY A 252 -35.50 14.60 -7.94
N GLU A 253 -34.32 15.07 -7.56
CA GLU A 253 -33.34 15.64 -8.48
C GLU A 253 -32.27 14.65 -8.91
N GLU A 254 -32.47 13.36 -8.62
CA GLU A 254 -31.40 12.38 -8.79
C GLU A 254 -30.93 12.32 -10.25
N GLN A 255 -31.86 12.35 -11.19
CA GLN A 255 -31.50 12.10 -12.58
C GLN A 255 -30.71 13.24 -13.23
N SER A 256 -30.46 14.34 -12.51
CA SER A 256 -29.62 15.42 -13.02
C SER A 256 -28.15 15.24 -12.67
N TYR A 257 -27.75 14.08 -12.15
CA TYR A 257 -26.37 13.82 -11.77
C TYR A 257 -25.87 12.58 -12.48
N THR A 258 -24.62 12.61 -12.94
CA THR A 258 -24.02 11.46 -13.61
C THR A 258 -22.69 11.13 -12.98
N CYS A 259 -22.39 9.83 -12.91
CA CYS A 259 -21.11 9.34 -12.41
C CYS A 259 -20.26 8.88 -13.59
N HIS A 260 -19.00 9.33 -13.62
CA HIS A 260 -18.12 9.05 -14.75
C HIS A 260 -16.89 8.29 -14.29
N VAL A 261 -16.63 7.16 -14.94
CA VAL A 261 -15.58 6.22 -14.54
C VAL A 261 -14.56 6.11 -15.65
N GLN A 262 -13.29 6.30 -15.31
CA GLN A 262 -12.17 6.12 -16.23
C GLN A 262 -11.24 5.06 -15.66
N HIS A 263 -10.99 4.01 -16.45
CA HIS A 263 -10.09 2.94 -16.03
C HIS A 263 -9.39 2.34 -17.24
N GLU A 264 -8.12 1.93 -17.04
CA GLU A 264 -7.30 1.38 -18.12
C GLU A 264 -7.92 0.15 -18.76
N GLY A 265 -8.71 -0.61 -17.99
CA GLY A 265 -9.41 -1.77 -18.49
C GLY A 265 -10.75 -1.49 -19.11
N LEU A 266 -11.12 -0.23 -19.25
CA LEU A 266 -12.37 0.16 -19.88
C LEU A 266 -12.21 0.53 -21.35
N GLN A 267 -11.11 1.24 -21.69
CA GLN A 267 -10.76 1.62 -23.06
C GLN A 267 -11.73 2.64 -23.66
N GLU A 268 -12.83 2.94 -22.96
CA GLU A 268 -13.73 3.98 -23.36
C GLU A 268 -14.41 4.45 -22.08
N PRO A 269 -14.42 5.75 -21.81
CA PRO A 269 -15.00 6.24 -20.55
C PRO A 269 -16.47 5.86 -20.42
N LEU A 270 -16.90 5.65 -19.19
CA LEU A 270 -18.26 5.23 -18.89
C LEU A 270 -19.03 6.35 -18.20
N THR A 271 -20.33 6.38 -18.46
CA THR A 271 -21.29 7.22 -17.74
C THR A 271 -22.36 6.30 -17.17
N LEU A 272 -22.86 6.65 -15.99
CA LEU A 272 -24.00 5.92 -15.43
C LEU A 272 -24.69 6.82 -14.42
N ARG A 273 -25.92 6.44 -14.07
CA ARG A 273 -26.79 7.26 -13.24
C ARG A 273 -27.69 6.33 -12.44
N TRP A 274 -28.50 6.93 -11.56
CA TRP A 274 -29.34 6.16 -10.66
C TRP A 274 -30.49 5.50 -11.41
N ASP A 275 -30.86 4.29 -10.97
CA ASP A 275 -31.91 3.50 -11.59
C ASP A 275 -33.04 3.22 -10.60
N VAL B 3 4.15 14.03 15.26
CA VAL B 3 4.20 13.88 13.81
C VAL B 3 3.63 12.54 13.40
N ALA B 4 3.37 11.68 14.39
CA ALA B 4 2.66 10.43 14.13
C ALA B 4 1.33 10.73 13.44
N ARG B 5 0.96 9.87 12.46
CA ARG B 5 -0.22 10.06 11.65
C ARG B 5 -1.28 9.02 12.01
N PRO B 6 -2.54 9.42 12.14
CA PRO B 6 -3.57 8.49 12.60
C PRO B 6 -4.07 7.61 11.46
N PRO B 7 -4.54 6.41 11.78
CA PRO B 7 -5.03 5.52 10.73
C PRO B 7 -6.39 5.93 10.22
N LYS B 8 -6.58 5.75 8.91
CA LYS B 8 -7.90 5.68 8.31
C LYS B 8 -8.35 4.24 8.23
N VAL B 9 -9.67 4.02 8.29
CA VAL B 9 -10.22 2.68 8.41
C VAL B 9 -11.43 2.51 7.50
N GLN B 10 -11.41 1.49 6.66
CA GLN B 10 -12.58 1.07 5.90
C GLN B 10 -12.86 -0.40 6.18
N VAL B 11 -14.16 -0.72 6.35
CA VAL B 11 -14.66 -2.06 6.60
C VAL B 11 -15.71 -2.37 5.54
N TYR B 12 -15.55 -3.49 4.84
CA TYR B 12 -16.31 -3.73 3.63
C TYR B 12 -16.17 -5.18 3.21
N SER B 13 -17.09 -5.62 2.36
CA SER B 13 -17.08 -6.97 1.83
C SER B 13 -16.43 -7.00 0.47
N ARG B 14 -15.84 -8.14 0.13
CA ARG B 14 -15.23 -8.29 -1.19
C ARG B 14 -16.28 -8.18 -2.28
N HIS B 15 -17.44 -8.78 -2.09
CA HIS B 15 -18.55 -8.74 -3.03
C HIS B 15 -19.76 -8.12 -2.35
N PRO B 16 -20.72 -7.58 -3.12
CA PRO B 16 -21.98 -7.15 -2.53
C PRO B 16 -22.60 -8.27 -1.69
N ALA B 17 -23.10 -7.91 -0.53
CA ALA B 17 -23.52 -8.90 0.45
C ALA B 17 -24.93 -9.40 0.15
N GLU B 18 -25.11 -10.72 0.17
CA GLU B 18 -26.44 -11.32 0.21
C GLU B 18 -26.45 -12.40 1.27
N ASN B 19 -27.46 -12.36 2.14
CA ASN B 19 -27.52 -13.23 3.30
C ASN B 19 -27.40 -14.70 2.93
N GLY B 20 -26.71 -15.45 3.78
CA GLY B 20 -26.53 -16.86 3.56
C GLY B 20 -25.56 -17.23 2.46
N LYS B 21 -24.94 -16.26 1.80
CA LYS B 21 -23.95 -16.57 0.78
C LYS B 21 -22.55 -16.26 1.30
N PRO B 22 -21.60 -17.19 1.15
CA PRO B 22 -20.25 -16.96 1.65
C PRO B 22 -19.60 -15.76 0.97
N ASN B 23 -18.81 -15.01 1.76
CA ASN B 23 -18.18 -13.79 1.29
C ASN B 23 -16.82 -13.66 1.95
N TYR B 24 -16.20 -12.48 1.78
CA TYR B 24 -15.00 -12.12 2.49
C TYR B 24 -15.18 -10.75 3.12
N LEU B 25 -14.78 -10.64 4.39
CA LEU B 25 -14.84 -9.41 5.16
C LEU B 25 -13.46 -8.78 5.28
N ASN B 26 -13.34 -7.50 4.92
CA ASN B 26 -12.08 -6.77 4.86
C ASN B 26 -12.08 -5.59 5.81
N CYS B 27 -10.95 -5.39 6.47
CA CYS B 27 -10.69 -4.15 7.20
C CYS B 27 -9.38 -3.60 6.68
N TYR B 28 -9.46 -2.51 5.92
CA TYR B 28 -8.30 -1.88 5.30
C TYR B 28 -7.95 -0.63 6.11
N VAL B 29 -6.72 -0.59 6.61
CA VAL B 29 -6.27 0.48 7.51
C VAL B 29 -5.03 1.12 6.91
N SER B 30 -5.06 2.43 6.75
CA SER B 30 -4.04 3.05 5.91
C SER B 30 -3.71 4.43 6.45
N GLY B 31 -2.59 4.96 5.98
CA GLY B 31 -2.19 6.32 6.29
C GLY B 31 -1.60 6.55 7.66
N PHE B 32 -1.25 5.50 8.39
CA PHE B 32 -0.79 5.63 9.75
C PHE B 32 0.74 5.57 9.84
N HIS B 33 1.26 6.06 10.96
CA HIS B 33 2.69 6.10 11.29
C HIS B 33 2.82 6.46 12.77
N PRO B 34 3.59 5.72 13.58
CA PRO B 34 4.48 4.58 13.32
C PRO B 34 3.72 3.26 12.98
N PRO B 35 4.43 2.20 12.59
CA PRO B 35 3.73 1.01 12.08
C PRO B 35 3.10 0.14 13.15
N GLN B 36 3.49 0.30 14.42
CA GLN B 36 2.89 -0.49 15.49
C GLN B 36 1.40 -0.22 15.56
N ILE B 37 0.59 -1.28 15.44
CA ILE B 37 -0.85 -1.12 15.36
C ILE B 37 -1.50 -2.46 15.70
N GLU B 38 -2.75 -2.41 16.13
CA GLU B 38 -3.56 -3.59 16.38
C GLU B 38 -4.88 -3.42 15.66
N ILE B 39 -5.20 -4.33 14.75
CA ILE B 39 -6.40 -4.26 13.93
C ILE B 39 -7.16 -5.55 14.14
N ASP B 40 -8.33 -5.48 14.76
CA ASP B 40 -9.16 -6.66 14.99
C ASP B 40 -10.48 -6.52 14.26
N LEU B 41 -10.83 -7.54 13.47
CA LEU B 41 -12.17 -7.69 12.93
C LEU B 41 -13.00 -8.38 13.99
N LEU B 42 -14.21 -7.87 14.24
CA LEU B 42 -15.05 -8.39 15.31
C LEU B 42 -16.35 -8.93 14.73
N LYS B 43 -16.82 -10.03 15.31
CA LYS B 43 -18.13 -10.58 15.02
C LYS B 43 -18.92 -10.51 16.32
N ASN B 44 -19.94 -9.66 16.35
CA ASN B 44 -20.74 -9.42 17.55
C ASN B 44 -19.86 -9.02 18.72
N GLY B 45 -18.83 -8.22 18.45
CA GLY B 45 -17.93 -7.75 19.47
C GLY B 45 -16.76 -8.66 19.78
N GLU B 46 -16.74 -9.87 19.24
CA GLU B 46 -15.73 -10.87 19.55
C GLU B 46 -14.67 -10.92 18.45
N LYS B 47 -13.41 -10.91 18.86
CA LYS B 47 -12.33 -10.87 17.87
C LYS B 47 -12.34 -12.12 17.00
N MET B 48 -12.28 -11.90 15.68
CA MET B 48 -12.11 -12.96 14.71
C MET B 48 -10.64 -13.21 14.45
N ASN B 49 -10.29 -14.46 14.15
CA ASN B 49 -8.90 -14.82 13.86
C ASN B 49 -8.61 -14.60 12.38
N ALA B 50 -8.56 -13.34 11.99
CA ALA B 50 -8.46 -12.96 10.59
C ALA B 50 -7.00 -12.74 10.17
N GLU B 51 -6.73 -13.02 8.90
CA GLU B 51 -5.40 -12.88 8.33
C GLU B 51 -5.02 -11.41 8.20
N GLN B 52 -3.72 -11.13 8.32
CA GLN B 52 -3.19 -9.78 8.16
C GLN B 52 -2.14 -9.77 7.06
N SER B 53 -2.22 -8.78 6.16
CA SER B 53 -1.27 -8.61 5.08
C SER B 53 0.12 -8.20 5.61
N ASP B 54 1.12 -8.34 4.73
CA ASP B 54 2.49 -7.94 5.07
C ASP B 54 2.59 -6.42 5.15
N LEU B 55 3.35 -5.93 6.13
CA LEU B 55 3.51 -4.49 6.32
C LEU B 55 4.10 -3.84 5.07
N SER B 56 3.36 -2.88 4.51
CA SER B 56 3.79 -2.11 3.37
C SER B 56 3.53 -0.64 3.64
N PHE B 57 4.00 0.22 2.75
CA PHE B 57 3.69 1.62 2.92
C PHE B 57 3.59 2.33 1.57
N SER B 58 3.03 3.54 1.63
CA SER B 58 2.75 4.38 0.49
C SER B 58 3.88 5.36 0.20
N LYS B 59 3.73 6.12 -0.89
CA LYS B 59 4.75 7.04 -1.31
C LYS B 59 5.04 8.12 -0.28
N ASP B 60 4.08 8.45 0.60
CA ASP B 60 4.32 9.44 1.64
C ASP B 60 4.84 8.82 2.93
N TRP B 61 5.27 7.55 2.89
CA TRP B 61 5.86 6.74 3.95
C TRP B 61 4.81 6.18 4.91
N SER B 62 3.55 6.52 4.78
CA SER B 62 2.54 6.01 5.71
C SER B 62 2.16 4.55 5.39
N PHE B 63 1.85 3.78 6.45
CA PHE B 63 1.69 2.34 6.32
C PHE B 63 0.25 1.96 5.96
N TYR B 64 0.11 0.73 5.46
CA TYR B 64 -1.21 0.19 5.20
C TYR B 64 -1.19 -1.31 5.41
N LEU B 65 -2.35 -1.80 5.83
CA LEU B 65 -2.57 -3.20 6.17
C LEU B 65 -4.01 -3.57 5.84
N LEU B 66 -4.17 -4.80 5.38
CA LEU B 66 -5.48 -5.39 5.17
C LEU B 66 -5.64 -6.58 6.11
N VAL B 67 -6.69 -6.53 6.93
CA VAL B 67 -7.11 -7.65 7.77
C VAL B 67 -8.40 -8.21 7.19
N HIS B 68 -8.46 -9.54 7.02
CA HIS B 68 -9.53 -10.10 6.20
C HIS B 68 -9.77 -11.56 6.55
N THR B 69 -11.01 -12.01 6.32
CA THR B 69 -11.38 -13.38 6.62
C THR B 69 -12.67 -13.73 5.89
N GLU B 70 -12.94 -15.04 5.77
CA GLU B 70 -14.22 -15.44 5.19
C GLU B 70 -15.36 -15.15 6.16
N PHE B 71 -16.54 -14.89 5.61
CA PHE B 71 -17.72 -14.78 6.45
C PHE B 71 -18.96 -14.93 5.58
N THR B 72 -20.01 -15.46 6.17
CA THR B 72 -21.29 -15.56 5.47
C THR B 72 -22.27 -14.62 6.15
N PRO B 73 -22.54 -13.46 5.57
CA PRO B 73 -23.43 -12.50 6.23
C PRO B 73 -24.85 -13.03 6.32
N ASN B 74 -25.55 -12.60 7.35
CA ASN B 74 -26.96 -12.90 7.53
C ASN B 74 -27.64 -11.64 8.06
N ALA B 75 -28.87 -11.79 8.55
CA ALA B 75 -29.64 -10.64 9.01
C ALA B 75 -29.37 -10.28 10.46
N VAL B 76 -28.59 -11.08 11.19
CA VAL B 76 -28.42 -10.94 12.63
C VAL B 76 -26.98 -10.57 13.01
N ASP B 77 -26.00 -11.28 12.46
CA ASP B 77 -24.62 -11.07 12.88
C ASP B 77 -24.16 -9.66 12.52
N GLN B 78 -23.52 -8.99 13.48
CA GLN B 78 -23.01 -7.64 13.34
C GLN B 78 -21.48 -7.68 13.30
N TYR B 79 -20.89 -6.99 12.33
CA TYR B 79 -19.44 -6.99 12.18
C TYR B 79 -18.88 -5.59 12.28
N SER B 80 -17.67 -5.51 12.81
CA SER B 80 -17.00 -4.22 12.99
C SER B 80 -15.51 -4.45 12.90
N CYS B 81 -14.76 -3.36 12.84
CA CYS B 81 -13.30 -3.39 12.90
C CYS B 81 -12.84 -2.44 14.00
N ARG B 82 -11.92 -2.92 14.83
CA ARG B 82 -11.41 -2.19 15.98
C ARG B 82 -9.92 -1.97 15.81
N VAL B 83 -9.48 -0.72 15.93
CA VAL B 83 -8.10 -0.35 15.66
C VAL B 83 -7.52 0.41 16.84
N LYS B 84 -6.33 -0.01 17.28
CA LYS B 84 -5.59 0.63 18.37
C LYS B 84 -4.24 1.12 17.86
N HIS B 85 -3.92 2.39 18.13
CA HIS B 85 -2.73 3.04 17.61
C HIS B 85 -2.38 4.19 18.55
N VAL B 86 -1.08 4.46 18.67
CA VAL B 86 -0.56 5.46 19.61
C VAL B 86 -1.21 6.83 19.39
N THR B 87 -1.74 7.07 18.19
CA THR B 87 -2.45 8.32 17.92
C THR B 87 -3.90 8.30 18.38
N LEU B 88 -4.41 7.18 18.88
CA LEU B 88 -5.80 7.08 19.30
C LEU B 88 -5.82 6.89 20.81
N ASP B 89 -6.44 7.84 21.53
CA ASP B 89 -6.50 7.66 22.98
C ASP B 89 -7.53 6.62 23.40
N LYS B 90 -8.48 6.30 22.52
CA LYS B 90 -9.41 5.19 22.63
C LYS B 90 -9.38 4.39 21.33
N PRO B 91 -9.72 3.10 21.37
CA PRO B 91 -9.77 2.32 20.13
C PRO B 91 -10.77 2.88 19.13
N LYS B 92 -10.37 2.89 17.86
CA LYS B 92 -11.23 3.33 16.78
C LYS B 92 -12.09 2.15 16.29
N ILE B 93 -13.40 2.31 16.29
CA ILE B 93 -14.30 1.24 15.90
C ILE B 93 -15.16 1.69 14.73
N VAL B 94 -15.12 0.95 13.63
CA VAL B 94 -15.95 1.19 12.47
C VAL B 94 -16.82 -0.05 12.25
N LYS B 95 -18.13 0.16 12.17
CA LYS B 95 -19.06 -0.93 11.90
C LYS B 95 -19.14 -1.22 10.41
N TRP B 96 -19.35 -2.49 10.06
CA TRP B 96 -19.64 -2.87 8.70
C TRP B 96 -21.13 -2.74 8.43
N ASP B 97 -21.48 -2.01 7.37
CA ASP B 97 -22.80 -2.11 6.78
C ASP B 97 -22.66 -2.29 5.28
N ARG B 98 -23.74 -2.75 4.65
CA ARG B 98 -23.71 -3.10 3.23
C ARG B 98 -23.72 -1.88 2.31
N ASP B 99 -23.85 -0.68 2.86
CA ASP B 99 -23.96 0.53 2.05
C ASP B 99 -22.63 1.25 1.84
N HIS B 100 -21.55 0.74 2.43
CA HIS B 100 -20.26 1.41 2.34
C HIS B 100 -19.18 0.36 2.05
N TYR C 1 14.25 -8.60 -8.77
CA TYR C 1 15.50 -8.88 -8.06
C TYR C 1 15.90 -7.66 -7.25
N GLY C 2 16.23 -7.88 -5.98
CA GLY C 2 16.55 -6.77 -5.09
C GLY C 2 17.90 -6.16 -5.41
N ASP C 3 18.04 -4.89 -5.00
CA ASP C 3 19.34 -4.22 -5.06
C ASP C 3 20.25 -4.79 -3.98
N PHE C 4 21.49 -5.11 -4.37
CA PHE C 4 22.40 -5.93 -3.56
C PHE C 4 23.28 -5.12 -2.63
N PHE C 5 23.63 -3.89 -2.99
CA PHE C 5 24.85 -3.32 -2.46
C PHE C 5 24.64 -2.76 -1.04
N HIS C 6 25.76 -2.68 -0.31
CA HIS C 6 25.78 -2.40 1.12
C HIS C 6 25.09 -1.07 1.44
N ASP C 7 24.20 -1.10 2.44
CA ASP C 7 23.20 -0.06 2.67
C ASP C 7 23.28 0.40 4.13
N MET C 8 24.16 1.37 4.41
CA MET C 8 24.54 1.71 5.79
C MET C 8 24.37 3.20 6.05
N VAL C 9 23.41 3.55 6.91
CA VAL C 9 23.11 4.93 7.25
C VAL C 9 24.20 5.52 8.17
#